data_6WK4
#
_entry.id   6WK4
#
_cell.length_a   70.151
_cell.length_b   74.048
_cell.length_c   189.316
_cell.angle_alpha   90.000
_cell.angle_beta   90.000
_cell.angle_gamma   90.000
#
_symmetry.space_group_name_H-M   'C 2 2 21'
#
loop_
_entity.id
_entity.type
_entity.pdbx_description
1 polymer '13E2 Fab Heavy Chain'
2 polymer '13E2 Fab Light Chain'
3 non-polymer 2-AMINO-2-HYDROXYMETHYL-PROPANE-1,3-DIOL
4 water water
#
loop_
_entity_poly.entity_id
_entity_poly.type
_entity_poly.pdbx_seq_one_letter_code
_entity_poly.pdbx_strand_id
1 'polypeptide(L)'
;QVTLKESGPGILQPSQTLSLTCSFSGFSLSTSGMGLGWIRQPSGKGLEWLTHIWWDDIKRYNPDLRSRLTISKDTSSSQI
FLKIASVDTADTATYYCARIVEGSYSSSYFDVWGAGTTVTVSSASTKGPSVFPLAPSSKSTSGGTAALGCLVKDYFPEPV
TVSWNSGALTSGVHTFPAVLQSSGLYSLSSVVTVPSSSLGTQTYICNVNHKPSNTKVDKRVEPKSCDKTAGWSHPQFEK
;
A
2 'polypeptide(L)'
;DIVMTQPHKFMSTSVEDRVTITCKASQDVIFDVAWYQQKPGQSPKLLIYSASSRVSGVPDRFTGSGSGTDFTFTISSVQA
EDLAVYYCQQHYSTPYTFGGGTTLEIKRTVAAPSVFIFPPSDEQLKSGTASVVCLLNNFYPREAKYQWKVDNALQSGNSQ
ESVTEQDSKDSTYSLSSTLTLSKADYEKHKVYACEVTHQGLSSPVTKSFNRGEC
;
B
#
# COMPACT_ATOMS: atom_id res chain seq x y z
N GLN A 1 -15.84 21.14 -10.78
CA GLN A 1 -16.64 21.15 -9.56
C GLN A 1 -17.38 19.80 -9.39
N VAL A 2 -16.93 18.80 -10.14
CA VAL A 2 -17.49 17.45 -10.02
C VAL A 2 -17.02 16.84 -8.70
N THR A 3 -17.96 16.28 -7.94
CA THR A 3 -17.63 15.57 -6.72
C THR A 3 -18.33 14.22 -6.71
N LEU A 4 -17.60 13.18 -6.30
CA LEU A 4 -18.12 11.83 -6.12
C LEU A 4 -17.76 11.40 -4.71
N LYS A 5 -18.72 10.82 -4.00
CA LYS A 5 -18.53 10.38 -2.63
C LYS A 5 -19.06 8.96 -2.49
N GLU A 6 -18.17 8.03 -2.17
CA GLU A 6 -18.54 6.63 -2.00
C GLU A 6 -18.96 6.36 -0.55
N SER A 7 -19.96 5.49 -0.40
CA SER A 7 -20.32 5.01 0.92
C SER A 7 -20.54 3.51 0.87
N GLY A 8 -20.08 2.81 1.90
CA GLY A 8 -20.18 1.38 1.99
C GLY A 8 -20.18 0.94 3.43
N PRO A 9 -20.16 -0.37 3.67
CA PRO A 9 -20.34 -0.92 5.02
C PRO A 9 -19.07 -1.19 5.80
N GLY A 10 -17.90 -0.82 5.28
CA GLY A 10 -16.69 -0.99 6.05
C GLY A 10 -16.18 -2.41 6.22
N ILE A 11 -16.90 -3.25 6.97
CA ILE A 11 -16.49 -4.64 7.19
C ILE A 11 -17.64 -5.58 6.84
N LEU A 12 -17.30 -6.71 6.22
CA LEU A 12 -18.23 -7.75 5.83
C LEU A 12 -17.62 -9.10 6.12
N GLN A 13 -18.47 -10.10 6.22
CA GLN A 13 -18.01 -11.47 6.35
C GLN A 13 -18.14 -12.22 5.03
N PRO A 14 -17.33 -13.26 4.83
CA PRO A 14 -17.42 -14.03 3.58
C PRO A 14 -18.83 -14.53 3.33
N SER A 15 -19.25 -14.45 2.07
CA SER A 15 -20.53 -14.86 1.47
C SER A 15 -21.61 -13.79 1.62
N GLN A 16 -21.34 -12.69 2.30
CA GLN A 16 -22.28 -11.58 2.33
C GLN A 16 -22.23 -10.77 1.04
N THR A 17 -23.21 -9.91 0.87
CA THR A 17 -23.32 -9.05 -0.31
C THR A 17 -22.86 -7.64 0.05
N LEU A 18 -21.83 -7.18 -0.66
CA LEU A 18 -21.37 -5.82 -0.54
C LEU A 18 -22.29 -4.88 -1.33
N SER A 19 -22.80 -3.85 -0.68
CA SER A 19 -23.58 -2.81 -1.34
C SER A 19 -22.86 -1.48 -1.16
N LEU A 20 -22.51 -0.85 -2.28
CA LEU A 20 -21.83 0.44 -2.30
C LEU A 20 -22.69 1.47 -2.99
N THR A 21 -22.61 2.71 -2.50
CA THR A 21 -23.34 3.81 -3.09
C THR A 21 -22.37 4.93 -3.44
N CYS A 22 -22.61 5.56 -4.58
CA CYS A 22 -21.84 6.72 -5.00
C CYS A 22 -22.80 7.87 -5.23
N SER A 23 -22.60 8.97 -4.50
CA SER A 23 -23.39 10.19 -4.65
C SER A 23 -22.55 11.23 -5.38
N PHE A 24 -23.14 11.88 -6.36
CA PHE A 24 -22.38 12.78 -7.21
C PHE A 24 -23.13 14.09 -7.43
N SER A 25 -22.36 15.16 -7.59
CA SER A 25 -22.86 16.46 -8.01
C SER A 25 -21.94 17.01 -9.09
N GLY A 26 -22.27 18.20 -9.59
CA GLY A 26 -21.40 18.89 -10.52
C GLY A 26 -21.57 18.49 -11.97
N PHE A 27 -22.43 17.53 -12.26
CA PHE A 27 -22.79 17.16 -13.62
C PHE A 27 -24.01 16.26 -13.50
N SER A 28 -24.65 16.03 -14.65
CA SER A 28 -25.83 15.18 -14.72
C SER A 28 -25.47 13.88 -15.43
N LEU A 29 -25.80 12.74 -14.80
CA LEU A 29 -25.57 11.45 -15.47
C LEU A 29 -26.50 11.23 -16.64
N SER A 30 -27.23 12.29 -16.98
CA SER A 30 -28.18 12.26 -18.07
C SER A 30 -27.63 12.85 -19.36
N THR A 31 -26.50 13.57 -19.30
CA THR A 31 -25.90 14.17 -20.49
C THR A 31 -25.07 13.16 -21.25
N SER A 32 -25.02 13.31 -22.57
CA SER A 32 -24.41 12.29 -23.41
C SER A 32 -22.89 12.35 -23.33
N GLY A 33 -22.26 11.20 -23.57
CA GLY A 33 -20.85 11.02 -23.36
C GLY A 33 -20.42 10.83 -21.92
N MET A 34 -21.36 10.72 -20.98
CA MET A 34 -21.06 10.62 -19.56
C MET A 34 -21.44 9.24 -19.01
N GLY A 35 -20.60 8.73 -18.11
CA GLY A 35 -20.89 7.50 -17.40
C GLY A 35 -20.37 7.57 -15.98
N LEU A 36 -20.65 6.51 -15.23
CA LEU A 36 -20.18 6.42 -13.85
C LEU A 36 -19.97 4.94 -13.54
N GLY A 37 -18.88 4.65 -12.83
CA GLY A 37 -18.49 3.27 -12.64
C GLY A 37 -17.63 3.10 -11.41
N TRP A 38 -17.11 1.87 -11.25
CA TRP A 38 -16.41 1.46 -10.04
C TRP A 38 -15.10 0.77 -10.40
N ILE A 39 -14.05 1.10 -9.65
CA ILE A 39 -12.71 0.53 -9.81
C ILE A 39 -12.17 0.28 -8.42
N ARG A 40 -11.57 -0.88 -8.19
CA ARG A 40 -11.08 -1.20 -6.86
C ARG A 40 -9.57 -1.41 -6.88
N GLN A 41 -8.99 -1.35 -5.69
CA GLN A 41 -7.55 -1.44 -5.48
C GLN A 41 -7.26 -2.11 -4.13
N PRO A 42 -6.82 -3.36 -4.12
CA PRO A 42 -6.36 -3.97 -2.88
C PRO A 42 -5.10 -3.26 -2.40
N SER A 43 -4.91 -3.29 -1.07
CA SER A 43 -3.82 -2.54 -0.46
C SER A 43 -2.48 -2.94 -1.08
N GLY A 44 -1.70 -1.94 -1.47
CA GLY A 44 -0.39 -2.15 -2.08
C GLY A 44 -0.42 -2.77 -3.46
N LYS A 45 -1.59 -2.99 -4.05
CA LYS A 45 -1.70 -3.56 -5.38
C LYS A 45 -2.19 -2.51 -6.39
N GLY A 46 -2.43 -2.96 -7.62
CA GLY A 46 -2.87 -2.09 -8.69
C GLY A 46 -4.38 -2.02 -8.81
N LEU A 47 -4.83 -1.54 -9.97
CA LEU A 47 -6.22 -1.19 -10.17
C LEU A 47 -6.93 -2.24 -11.02
N GLU A 48 -8.19 -2.51 -10.66
CA GLU A 48 -9.07 -3.46 -11.34
C GLU A 48 -10.40 -2.78 -11.66
N TRP A 49 -10.67 -2.58 -12.94
CA TRP A 49 -11.99 -2.09 -13.34
C TRP A 49 -13.08 -3.12 -13.03
N LEU A 50 -14.20 -2.66 -12.49
CA LEU A 50 -15.31 -3.55 -12.17
C LEU A 50 -16.49 -3.41 -13.13
N THR A 51 -17.03 -2.20 -13.28
CA THR A 51 -18.26 -1.98 -14.02
C THR A 51 -18.53 -0.48 -14.14
N HIS A 52 -19.29 -0.08 -15.17
CA HIS A 52 -19.82 1.27 -15.25
C HIS A 52 -21.15 1.26 -15.98
N ILE A 53 -21.85 2.39 -15.90
CA ILE A 53 -23.16 2.56 -16.49
C ILE A 53 -23.20 3.91 -17.20
N TRP A 54 -23.66 3.90 -18.43
CA TRP A 54 -23.69 5.09 -19.26
C TRP A 54 -24.98 5.89 -19.06
N TRP A 55 -24.97 7.11 -19.58
CA TRP A 55 -26.11 8.03 -19.48
C TRP A 55 -27.37 7.47 -20.13
N ASP A 56 -27.24 6.50 -21.04
CA ASP A 56 -28.38 5.86 -21.69
C ASP A 56 -28.61 4.44 -21.17
N ASP A 57 -28.22 4.18 -19.92
CA ASP A 57 -28.44 2.94 -19.18
C ASP A 57 -27.68 1.74 -19.76
N ILE A 58 -26.78 1.93 -20.73
CA ILE A 58 -25.92 0.82 -21.14
C ILE A 58 -24.98 0.48 -20.00
N LYS A 59 -24.95 -0.80 -19.62
CA LYS A 59 -24.14 -1.27 -18.50
C LYS A 59 -23.01 -2.16 -19.01
N ARG A 60 -21.81 -1.93 -18.49
CA ARG A 60 -20.65 -2.77 -18.83
C ARG A 60 -20.10 -3.38 -17.55
N TYR A 61 -19.60 -4.62 -17.67
CA TYR A 61 -19.17 -5.43 -16.53
C TYR A 61 -17.85 -6.12 -16.82
N ASN A 62 -17.00 -6.19 -15.80
CA ASN A 62 -15.84 -7.05 -15.85
C ASN A 62 -16.29 -8.50 -15.97
N PRO A 63 -15.96 -9.20 -17.07
CA PRO A 63 -16.47 -10.56 -17.27
C PRO A 63 -16.06 -11.55 -16.18
N ASP A 64 -14.90 -11.39 -15.53
CA ASP A 64 -14.50 -12.34 -14.50
C ASP A 64 -15.36 -12.24 -13.24
N LEU A 65 -16.26 -11.28 -13.18
CA LEU A 65 -17.04 -11.06 -11.97
C LEU A 65 -18.49 -10.76 -12.29
N ARG A 66 -18.91 -10.88 -13.55
CA ARG A 66 -20.26 -10.51 -13.94
C ARG A 66 -21.30 -11.29 -13.13
N SER A 67 -21.00 -12.53 -12.77
CA SER A 67 -21.97 -13.35 -12.05
C SER A 67 -22.19 -12.88 -10.62
N ARG A 68 -21.39 -11.93 -10.13
CA ARG A 68 -21.54 -11.40 -8.79
C ARG A 68 -21.80 -9.91 -8.76
N LEU A 69 -21.63 -9.20 -9.89
CA LEU A 69 -21.77 -7.75 -9.94
C LEU A 69 -23.17 -7.33 -10.36
N THR A 70 -23.64 -6.22 -9.78
CA THR A 70 -24.83 -5.54 -10.25
C THR A 70 -24.61 -4.06 -10.10
N ILE A 71 -24.88 -3.30 -11.16
CA ILE A 71 -24.80 -1.85 -11.07
C ILE A 71 -26.14 -1.26 -11.48
N SER A 72 -26.48 -0.12 -10.91
CA SER A 72 -27.72 0.56 -11.23
C SER A 72 -27.58 2.04 -10.89
N LYS A 73 -28.36 2.87 -11.59
CA LYS A 73 -28.37 4.32 -11.35
C LYS A 73 -29.73 4.74 -10.83
N ASP A 74 -29.74 5.84 -10.10
CA ASP A 74 -30.97 6.56 -9.74
C ASP A 74 -30.69 8.05 -9.97
N THR A 75 -30.97 8.51 -11.20
CA THR A 75 -30.80 9.94 -11.51
C THR A 75 -31.55 10.81 -10.52
N SER A 76 -32.70 10.34 -10.03
CA SER A 76 -33.60 11.17 -9.21
C SER A 76 -32.91 11.66 -7.94
N SER A 77 -31.90 10.97 -7.44
CA SER A 77 -31.15 11.42 -6.28
C SER A 77 -29.65 11.50 -6.57
N SER A 78 -29.26 11.46 -7.84
CA SER A 78 -27.87 11.61 -8.27
C SER A 78 -26.96 10.59 -7.56
N GLN A 79 -27.21 9.31 -7.86
CA GLN A 79 -26.54 8.22 -7.18
C GLN A 79 -26.45 7.01 -8.10
N ILE A 80 -25.39 6.23 -7.95
CA ILE A 80 -25.32 4.91 -8.56
C ILE A 80 -24.94 3.92 -7.47
N PHE A 81 -25.16 2.64 -7.75
CA PHE A 81 -25.03 1.60 -6.74
C PHE A 81 -24.29 0.40 -7.34
N LEU A 82 -23.53 -0.28 -6.48
CA LEU A 82 -22.85 -1.51 -6.85
C LEU A 82 -23.20 -2.60 -5.86
N LYS A 83 -23.57 -3.77 -6.35
CA LYS A 83 -23.67 -4.96 -5.52
C LYS A 83 -22.60 -5.94 -5.97
N ILE A 84 -21.87 -6.50 -5.01
CA ILE A 84 -20.99 -7.63 -5.24
C ILE A 84 -21.45 -8.74 -4.31
N ALA A 85 -21.86 -9.86 -4.90
CA ALA A 85 -22.46 -10.94 -4.15
C ALA A 85 -21.40 -11.90 -3.66
N SER A 86 -21.77 -12.67 -2.64
CA SER A 86 -20.95 -13.67 -1.97
C SER A 86 -19.47 -13.29 -1.97
N VAL A 87 -19.14 -12.22 -1.23
CA VAL A 87 -17.77 -11.74 -1.17
C VAL A 87 -16.86 -12.75 -0.46
N ASP A 88 -15.56 -12.65 -0.73
CA ASP A 88 -14.53 -13.40 -0.04
C ASP A 88 -13.33 -12.47 0.20
N THR A 89 -12.26 -13.01 0.79
CA THR A 89 -11.17 -12.16 1.24
C THR A 89 -10.51 -11.41 0.08
N ALA A 90 -10.55 -11.99 -1.13
CA ALA A 90 -10.05 -11.34 -2.33
C ALA A 90 -10.77 -10.04 -2.66
N ASP A 91 -11.96 -9.82 -2.13
CA ASP A 91 -12.67 -8.58 -2.39
C ASP A 91 -12.30 -7.45 -1.44
N THR A 92 -11.39 -7.71 -0.49
CA THR A 92 -10.85 -6.66 0.36
C THR A 92 -10.08 -5.65 -0.48
N ALA A 93 -10.50 -4.38 -0.43
CA ALA A 93 -9.91 -3.37 -1.31
C ALA A 93 -10.50 -2.00 -0.99
N THR A 94 -9.86 -0.96 -1.52
CA THR A 94 -10.48 0.34 -1.62
C THR A 94 -11.31 0.37 -2.90
N TYR A 95 -12.54 0.87 -2.81
CA TYR A 95 -13.45 0.93 -3.95
C TYR A 95 -13.68 2.38 -4.33
N TYR A 96 -13.26 2.74 -5.55
CA TYR A 96 -13.39 4.09 -6.06
C TYR A 96 -14.57 4.19 -7.01
N CYS A 97 -15.33 5.26 -6.85
CA CYS A 97 -16.30 5.65 -7.84
C CYS A 97 -15.62 6.59 -8.83
N ALA A 98 -15.89 6.39 -10.11
CA ALA A 98 -15.13 7.13 -11.12
C ALA A 98 -16.00 7.45 -12.34
N ARG A 99 -15.87 8.68 -12.81
CA ARG A 99 -16.63 9.12 -13.98
C ARG A 99 -15.93 8.71 -15.26
N ILE A 100 -16.63 7.99 -16.12
CA ILE A 100 -16.11 7.59 -17.42
C ILE A 100 -16.75 8.47 -18.47
N VAL A 101 -15.96 8.91 -19.45
CA VAL A 101 -16.47 9.83 -20.47
C VAL A 101 -16.16 9.31 -21.85
N GLU A 102 -16.84 9.87 -22.83
CA GLU A 102 -16.61 9.58 -24.23
C GLU A 102 -15.99 10.80 -24.88
N GLY A 103 -14.88 10.59 -25.58
CA GLY A 103 -14.30 11.59 -26.46
C GLY A 103 -14.67 11.33 -27.91
N SER A 104 -14.09 12.15 -28.79
CA SER A 104 -14.34 12.01 -30.22
C SER A 104 -13.56 10.84 -30.83
N TYR A 105 -12.30 10.62 -30.38
CA TYR A 105 -11.58 9.42 -30.81
C TYR A 105 -12.09 8.20 -30.07
N SER A 106 -11.96 8.21 -28.74
CA SER A 106 -12.14 7.03 -27.90
C SER A 106 -12.92 7.44 -26.65
N SER A 107 -12.96 6.56 -25.66
CA SER A 107 -13.86 6.80 -24.56
C SER A 107 -13.30 6.38 -23.21
N SER A 108 -13.13 5.08 -23.04
CA SER A 108 -13.35 4.52 -21.72
C SER A 108 -12.26 4.87 -20.70
N TYR A 109 -11.99 6.16 -20.55
CA TYR A 109 -11.07 6.66 -19.54
C TYR A 109 -11.83 7.42 -18.47
N PHE A 110 -11.26 7.45 -17.27
CA PHE A 110 -11.94 7.90 -16.06
C PHE A 110 -11.34 9.23 -15.64
N ASP A 111 -12.10 10.30 -15.87
CA ASP A 111 -11.52 11.64 -15.72
C ASP A 111 -11.70 12.22 -14.33
N VAL A 112 -12.62 11.70 -13.52
CA VAL A 112 -12.76 12.15 -12.13
C VAL A 112 -12.92 10.92 -11.24
N TRP A 113 -12.17 10.88 -10.13
CA TRP A 113 -12.24 9.78 -9.17
C TRP A 113 -12.61 10.31 -7.80
N GLY A 114 -13.43 9.56 -7.08
CA GLY A 114 -13.74 9.86 -5.71
C GLY A 114 -12.57 9.49 -4.80
N ALA A 115 -12.75 9.76 -3.52
CA ALA A 115 -11.73 9.47 -2.51
C ALA A 115 -11.66 8.00 -2.13
N GLY A 116 -12.65 7.20 -2.54
CA GLY A 116 -12.65 5.78 -2.25
C GLY A 116 -13.26 5.45 -0.89
N THR A 117 -13.84 4.25 -0.77
CA THR A 117 -14.25 3.69 0.51
C THR A 117 -13.59 2.33 0.66
N THR A 118 -13.07 2.06 1.87
CA THR A 118 -12.35 0.82 2.13
C THR A 118 -13.31 -0.26 2.61
N VAL A 119 -13.13 -1.46 2.08
CA VAL A 119 -13.93 -2.61 2.47
C VAL A 119 -12.99 -3.74 2.85
N THR A 120 -13.20 -4.31 4.04
CA THR A 120 -12.50 -5.49 4.49
C THR A 120 -13.50 -6.64 4.60
N VAL A 121 -13.19 -7.74 3.93
CA VAL A 121 -13.99 -8.95 3.99
C VAL A 121 -13.22 -9.95 4.82
N SER A 122 -13.83 -10.38 5.93
CA SER A 122 -13.16 -11.23 6.90
C SER A 122 -14.20 -11.80 7.85
N SER A 123 -13.96 -13.02 8.30
CA SER A 123 -14.75 -13.58 9.39
C SER A 123 -14.19 -13.23 10.76
N ALA A 124 -13.14 -12.42 10.83
CA ALA A 124 -12.56 -12.04 12.11
C ALA A 124 -13.51 -11.13 12.89
N SER A 125 -13.39 -11.19 14.21
CA SER A 125 -14.07 -10.30 15.13
C SER A 125 -13.21 -9.09 15.43
N THR A 126 -13.86 -7.93 15.58
CA THR A 126 -13.20 -6.74 16.09
C THR A 126 -12.42 -7.08 17.36
N LYS A 127 -11.15 -6.68 17.38
CA LYS A 127 -10.22 -7.09 18.44
C LYS A 127 -9.09 -6.08 18.54
N GLY A 128 -8.93 -5.45 19.71
CA GLY A 128 -7.83 -4.56 19.95
C GLY A 128 -6.50 -5.29 20.00
N PRO A 129 -5.38 -4.57 19.84
CA PRO A 129 -4.08 -5.23 19.78
C PRO A 129 -3.46 -5.51 21.13
N SER A 130 -2.59 -6.52 21.14
CA SER A 130 -1.60 -6.69 22.17
C SER A 130 -0.33 -5.95 21.76
N VAL A 131 0.24 -5.17 22.67
CA VAL A 131 1.42 -4.38 22.36
C VAL A 131 2.58 -4.88 23.22
N PHE A 132 3.60 -5.42 22.56
CA PHE A 132 4.80 -5.97 23.17
C PHE A 132 6.00 -5.07 22.90
N PRO A 133 6.92 -4.95 23.86
CA PRO A 133 8.07 -4.07 23.65
C PRO A 133 9.05 -4.71 22.67
N LEU A 134 9.76 -3.85 21.94
CA LEU A 134 10.97 -4.21 21.21
C LEU A 134 12.08 -3.45 21.92
N ALA A 135 12.77 -4.15 22.86
CA ALA A 135 13.61 -3.49 23.84
C ALA A 135 14.98 -3.15 23.26
N PRO A 136 15.50 -1.96 23.53
CA PRO A 136 16.83 -1.60 23.05
C PRO A 136 17.87 -2.54 23.64
N SER A 137 18.74 -3.04 22.76
CA SER A 137 19.85 -3.92 23.13
C SER A 137 20.93 -3.18 23.94
N SER A 138 22.06 -3.83 24.15
CA SER A 138 23.27 -3.15 24.64
C SER A 138 24.50 -3.59 23.85
N GLY A 144 26.48 6.68 19.94
CA GLY A 144 25.83 5.80 19.00
C GLY A 144 24.30 5.90 18.99
N THR A 145 23.67 5.04 18.19
CA THR A 145 22.23 5.08 17.97
C THR A 145 21.61 3.76 18.41
N ALA A 146 20.54 3.85 19.20
CA ALA A 146 19.76 2.70 19.61
C ALA A 146 18.41 2.71 18.90
N ALA A 147 17.89 1.51 18.59
CA ALA A 147 16.54 1.36 18.08
C ALA A 147 15.68 0.64 19.12
N LEU A 148 14.46 1.12 19.31
CA LEU A 148 13.46 0.44 20.11
C LEU A 148 12.13 0.57 19.41
N GLY A 149 11.12 -0.13 19.91
CA GLY A 149 9.85 -0.11 19.23
C GLY A 149 8.78 -0.89 19.97
N CYS A 150 7.65 -1.05 19.26
CA CYS A 150 6.47 -1.73 19.75
C CYS A 150 5.98 -2.69 18.68
N LEU A 151 5.82 -3.96 19.05
CA LEU A 151 5.13 -4.91 18.20
C LEU A 151 3.64 -4.85 18.53
N VAL A 152 2.85 -4.42 17.56
CA VAL A 152 1.41 -4.23 17.74
C VAL A 152 0.72 -5.41 17.06
N LYS A 153 0.30 -6.40 17.85
CA LYS A 153 -0.01 -7.72 17.34
C LYS A 153 -1.47 -8.11 17.56
N ASP A 154 -2.01 -8.88 16.62
CA ASP A 154 -3.28 -9.58 16.73
C ASP A 154 -4.46 -8.62 16.90
N TYR A 155 -4.64 -7.72 15.92
CA TYR A 155 -5.78 -6.84 15.98
C TYR A 155 -6.61 -6.98 14.70
N PHE A 156 -7.85 -6.50 14.77
CA PHE A 156 -8.77 -6.47 13.63
C PHE A 156 -9.88 -5.48 13.92
N PRO A 157 -10.28 -4.65 12.94
CA PRO A 157 -9.64 -4.50 11.62
C PRO A 157 -8.57 -3.40 11.57
N GLU A 158 -8.03 -3.12 10.37
CA GLU A 158 -7.25 -1.90 10.17
C GLU A 158 -8.16 -0.69 10.37
N PRO A 159 -7.59 0.46 10.76
CA PRO A 159 -6.19 0.76 11.02
C PRO A 159 -5.88 0.91 12.50
N VAL A 160 -4.58 0.86 12.84
CA VAL A 160 -4.10 1.42 14.11
C VAL A 160 -3.27 2.65 13.78
N THR A 161 -3.23 3.59 14.72
CA THR A 161 -2.24 4.66 14.68
C THR A 161 -1.27 4.49 15.86
N VAL A 162 -0.01 4.84 15.62
CA VAL A 162 1.03 4.76 16.64
C VAL A 162 1.72 6.11 16.75
N SER A 163 1.80 6.64 17.97
CA SER A 163 2.65 7.79 18.25
C SER A 163 3.62 7.39 19.32
N TRP A 164 4.58 8.27 19.60
CA TRP A 164 5.59 8.02 20.60
C TRP A 164 5.61 9.20 21.56
N ASN A 165 5.65 8.89 22.86
CA ASN A 165 5.65 9.91 23.90
C ASN A 165 4.58 10.97 23.66
N SER A 166 3.38 10.51 23.26
CA SER A 166 2.19 11.35 23.10
C SER A 166 2.36 12.39 21.99
N GLY A 167 3.13 12.06 20.96
CA GLY A 167 3.37 12.96 19.85
C GLY A 167 4.65 13.75 19.94
N ALA A 168 5.35 13.71 21.08
CA ALA A 168 6.55 14.51 21.26
C ALA A 168 7.72 13.97 20.45
N LEU A 169 7.78 12.66 20.25
CA LEU A 169 8.85 11.99 19.50
C LEU A 169 8.32 11.63 18.12
N THR A 170 8.81 12.34 17.10
CA THR A 170 8.41 12.07 15.72
C THR A 170 9.58 11.79 14.80
N SER A 171 10.73 12.40 15.03
CA SER A 171 11.86 12.18 14.15
C SER A 171 12.42 10.79 14.39
N GLY A 172 12.69 10.04 13.31
CA GLY A 172 13.22 8.70 13.41
C GLY A 172 12.19 7.60 13.59
N VAL A 173 10.91 7.94 13.70
CA VAL A 173 9.86 6.95 13.85
C VAL A 173 9.57 6.31 12.49
N HIS A 174 9.51 4.98 12.45
CA HIS A 174 8.95 4.27 11.31
C HIS A 174 7.85 3.34 11.82
N THR A 175 6.61 3.61 11.43
CA THR A 175 5.50 2.71 11.69
C THR A 175 5.23 1.95 10.40
N PHE A 176 5.52 0.64 10.38
CA PHE A 176 5.49 -0.13 9.14
C PHE A 176 4.08 -0.48 8.70
N PRO A 177 3.86 -0.67 7.39
CA PRO A 177 2.58 -1.22 6.94
C PRO A 177 2.28 -2.51 7.70
N ALA A 178 1.02 -2.68 8.07
CA ALA A 178 0.63 -3.91 8.75
C ALA A 178 0.70 -5.07 7.77
N VAL A 179 0.99 -6.26 8.30
CA VAL A 179 0.80 -7.49 7.54
C VAL A 179 -0.36 -8.29 8.13
N LEU A 180 -0.99 -9.06 7.27
CA LEU A 180 -2.11 -9.91 7.64
C LEU A 180 -1.56 -11.31 7.93
N GLN A 181 -1.71 -11.76 9.17
CA GLN A 181 -1.28 -13.10 9.56
C GLN A 181 -2.34 -14.12 9.14
N SER A 182 -1.92 -15.40 9.10
CA SER A 182 -2.81 -16.47 8.69
C SER A 182 -3.98 -16.66 9.65
N SER A 183 -3.85 -16.18 10.89
CA SER A 183 -4.96 -16.16 11.82
C SER A 183 -6.06 -15.21 11.40
N GLY A 184 -5.84 -14.39 10.36
CA GLY A 184 -6.78 -13.34 10.01
C GLY A 184 -6.63 -12.07 10.80
N LEU A 185 -5.64 -11.99 11.69
CA LEU A 185 -5.38 -10.80 12.49
C LEU A 185 -4.15 -10.07 11.97
N TYR A 186 -4.17 -8.76 12.08
CA TYR A 186 -3.04 -7.95 11.63
C TYR A 186 -1.97 -7.87 12.71
N SER A 187 -0.75 -7.60 12.25
CA SER A 187 0.39 -7.35 13.10
C SER A 187 1.23 -6.26 12.47
N LEU A 188 1.68 -5.29 13.27
CA LEU A 188 2.63 -4.31 12.76
C LEU A 188 3.62 -3.93 13.84
N SER A 189 4.75 -3.40 13.39
CA SER A 189 5.73 -2.85 14.29
C SER A 189 5.90 -1.36 14.02
N SER A 190 6.14 -0.61 15.09
CA SER A 190 6.56 0.79 15.03
C SER A 190 7.89 0.91 15.75
N VAL A 191 8.90 1.47 15.08
CA VAL A 191 10.23 1.59 15.66
C VAL A 191 10.64 3.07 15.68
N VAL A 192 11.66 3.35 16.48
CA VAL A 192 12.28 4.68 16.53
C VAL A 192 13.75 4.47 16.90
N THR A 193 14.62 5.24 16.25
CA THR A 193 16.03 5.27 16.62
C THR A 193 16.30 6.50 17.46
N VAL A 194 17.05 6.32 18.54
CA VAL A 194 17.34 7.37 19.51
C VAL A 194 18.81 7.33 19.93
N PRO A 195 19.33 8.45 20.43
CA PRO A 195 20.67 8.42 21.02
C PRO A 195 20.77 7.41 22.15
N SER A 196 21.78 6.53 22.06
CA SER A 196 22.03 5.57 23.14
C SER A 196 22.20 6.26 24.48
N SER A 197 22.76 7.46 24.46
CA SER A 197 23.00 8.25 25.67
C SER A 197 21.71 8.72 26.32
N SER A 198 20.57 8.41 25.71
CA SER A 198 19.26 8.71 26.29
C SER A 198 18.65 7.55 27.05
N LEU A 199 19.18 6.34 26.88
CA LEU A 199 18.44 5.14 27.29
C LEU A 199 18.25 5.07 28.80
N GLY A 200 19.21 5.55 29.58
CA GLY A 200 19.02 5.50 31.01
C GLY A 200 18.17 6.60 31.58
N THR A 201 17.87 7.63 30.81
CA THR A 201 17.17 8.80 31.33
C THR A 201 15.83 9.08 30.66
N GLN A 202 15.75 8.96 29.33
CA GLN A 202 14.50 9.25 28.65
C GLN A 202 13.54 8.07 28.74
N THR A 203 12.28 8.38 28.99
CA THR A 203 11.21 7.38 28.97
C THR A 203 10.60 7.31 27.58
N TYR A 204 10.42 6.10 27.05
CA TYR A 204 9.84 5.88 25.74
C TYR A 204 8.55 5.07 25.84
N ILE A 205 7.47 5.65 25.35
CA ILE A 205 6.14 5.06 25.39
C ILE A 205 5.52 5.14 24.01
N CYS A 206 5.08 4.01 23.48
CA CYS A 206 4.31 4.01 22.25
C CYS A 206 2.82 4.05 22.58
N ASN A 207 2.12 4.97 21.95
CA ASN A 207 0.68 5.14 22.14
C ASN A 207 0.00 4.58 20.90
N VAL A 208 -0.75 3.50 21.11
CA VAL A 208 -1.43 2.77 20.04
C VAL A 208 -2.92 3.06 20.16
N ASN A 209 -3.51 3.56 19.08
CA ASN A 209 -4.94 3.86 19.03
C ASN A 209 -5.59 2.95 18.00
N HIS A 210 -6.55 2.14 18.44
CA HIS A 210 -7.30 1.25 17.57
C HIS A 210 -8.77 1.67 17.63
N LYS A 211 -9.12 2.66 16.82
CA LYS A 211 -10.48 3.21 16.86
C LYS A 211 -11.57 2.16 16.71
N PRO A 212 -11.46 1.17 15.82
CA PRO A 212 -12.53 0.16 15.72
C PRO A 212 -12.92 -0.51 17.04
N SER A 213 -12.01 -0.66 18.00
CA SER A 213 -12.37 -1.26 19.27
C SER A 213 -12.39 -0.25 20.39
N ASN A 214 -12.28 1.04 20.06
CA ASN A 214 -12.23 2.12 21.04
C ASN A 214 -11.10 1.91 22.05
N THR A 215 -9.98 1.33 21.60
CA THR A 215 -8.92 0.91 22.49
C THR A 215 -7.69 1.81 22.34
N LYS A 216 -7.13 2.24 23.47
CA LYS A 216 -5.82 2.87 23.52
C LYS A 216 -4.91 2.03 24.40
N VAL A 217 -3.70 1.79 23.92
CA VAL A 217 -2.67 1.09 24.66
C VAL A 217 -1.45 2.01 24.73
N ASP A 218 -0.95 2.24 25.92
CA ASP A 218 0.29 3.01 26.13
C ASP A 218 1.28 2.05 26.78
N LYS A 219 2.36 1.74 26.06
CA LYS A 219 3.30 0.71 26.47
C LYS A 219 4.69 1.32 26.60
N ARG A 220 5.21 1.35 27.83
CA ARG A 220 6.56 1.82 28.07
C ARG A 220 7.56 0.78 27.58
N VAL A 221 8.55 1.23 26.82
CA VAL A 221 9.61 0.37 26.30
C VAL A 221 10.90 0.78 27.02
N GLU A 222 11.49 -0.15 27.76
CA GLU A 222 12.72 0.13 28.50
C GLU A 222 13.75 -0.95 28.22
N PRO A 223 15.04 -0.63 28.38
CA PRO A 223 16.07 -1.67 28.19
C PRO A 223 15.82 -2.82 29.16
N LYS A 224 16.37 -3.98 28.84
CA LYS A 224 16.06 -5.12 29.66
C LYS A 224 17.06 -5.43 30.78
N ASP B 1 -8.00 -9.63 -20.37
CA ASP B 1 -7.78 -10.17 -21.71
C ASP B 1 -6.63 -9.43 -22.41
N ILE B 2 -6.69 -8.10 -22.50
CA ILE B 2 -5.55 -7.30 -22.91
C ILE B 2 -4.71 -6.95 -21.69
N VAL B 3 -3.46 -7.37 -21.71
CA VAL B 3 -2.52 -7.20 -20.60
C VAL B 3 -1.64 -5.99 -20.88
N MET B 4 -1.70 -5.00 -20.01
CA MET B 4 -0.78 -3.87 -20.01
C MET B 4 0.37 -4.17 -19.05
N THR B 5 1.59 -4.09 -19.55
CA THR B 5 2.79 -4.41 -18.79
C THR B 5 3.66 -3.17 -18.65
N GLN B 6 3.87 -2.72 -17.41
CA GLN B 6 4.87 -1.71 -17.11
C GLN B 6 6.10 -2.44 -16.58
N PRO B 7 7.24 -2.40 -17.27
CA PRO B 7 8.34 -3.33 -16.91
C PRO B 7 9.03 -3.00 -15.60
N HIS B 8 8.88 -1.80 -15.04
CA HIS B 8 9.61 -1.42 -13.83
C HIS B 8 8.65 -1.04 -12.72
N LYS B 9 8.66 -1.82 -11.63
CA LYS B 9 7.87 -1.45 -10.46
C LYS B 9 8.35 -0.13 -9.87
N PHE B 10 9.65 0.14 -9.96
CA PHE B 10 10.26 1.35 -9.44
C PHE B 10 11.17 1.95 -10.50
N MET B 11 11.21 3.29 -10.54
CA MET B 11 12.18 3.98 -11.36
C MET B 11 12.78 5.13 -10.56
N SER B 12 14.08 5.32 -10.70
CA SER B 12 14.81 6.30 -9.91
C SER B 12 15.15 7.51 -10.76
N THR B 13 14.95 8.69 -10.19
CA THR B 13 15.15 9.95 -10.88
C THR B 13 15.69 10.97 -9.85
N SER B 14 16.06 12.15 -10.34
CA SER B 14 16.40 13.26 -9.47
C SER B 14 15.55 14.46 -9.88
N VAL B 15 15.33 15.38 -8.94
CA VAL B 15 14.52 16.55 -9.25
C VAL B 15 15.13 17.30 -10.43
N GLU B 16 14.25 17.81 -11.30
CA GLU B 16 14.58 18.55 -12.51
C GLU B 16 15.09 17.64 -13.62
N ASP B 17 15.29 16.36 -13.32
CA ASP B 17 15.69 15.41 -14.34
C ASP B 17 14.52 15.09 -15.28
N ARG B 18 14.84 14.39 -16.36
CA ARG B 18 13.87 13.89 -17.32
C ARG B 18 13.69 12.39 -17.11
N VAL B 19 12.45 11.92 -17.08
CA VAL B 19 12.16 10.52 -16.81
C VAL B 19 11.07 10.05 -17.77
N THR B 20 11.24 8.83 -18.30
CA THR B 20 10.27 8.23 -19.22
C THR B 20 9.85 6.86 -18.71
N ILE B 21 8.54 6.68 -18.52
CA ILE B 21 7.94 5.43 -18.05
C ILE B 21 7.31 4.74 -19.26
N THR B 22 7.53 3.44 -19.39
CA THR B 22 7.01 2.73 -20.56
C THR B 22 5.91 1.75 -20.19
N CYS B 23 5.13 1.38 -21.20
CA CYS B 23 3.95 0.55 -21.05
C CYS B 23 3.79 -0.26 -22.33
N LYS B 24 3.71 -1.58 -22.20
CA LYS B 24 3.53 -2.47 -23.34
C LYS B 24 2.19 -3.16 -23.24
N ALA B 25 1.40 -3.06 -24.32
CA ALA B 25 0.14 -3.79 -24.42
C ALA B 25 0.38 -5.14 -25.09
N SER B 26 -0.37 -6.15 -24.64
CA SER B 26 -0.29 -7.48 -25.23
C SER B 26 -0.93 -7.56 -26.62
N GLN B 27 -1.80 -6.59 -26.95
CA GLN B 27 -2.49 -6.52 -28.22
C GLN B 27 -2.48 -5.08 -28.69
N ASP B 28 -2.65 -4.89 -29.99
CA ASP B 28 -2.77 -3.54 -30.50
C ASP B 28 -3.97 -2.85 -29.86
N VAL B 29 -3.77 -1.60 -29.43
CA VAL B 29 -4.85 -0.83 -28.84
C VAL B 29 -4.91 0.54 -29.50
N ILE B 30 -4.49 0.58 -30.78
CA ILE B 30 -4.47 1.79 -31.60
C ILE B 30 -3.60 2.83 -30.90
N PHE B 31 -4.20 3.87 -30.33
CA PHE B 31 -3.48 4.75 -29.41
C PHE B 31 -4.39 5.12 -28.24
N ASP B 32 -5.22 4.17 -27.80
CA ASP B 32 -6.21 4.39 -26.74
C ASP B 32 -5.63 3.95 -25.40
N VAL B 33 -4.74 4.78 -24.85
CA VAL B 33 -4.02 4.50 -23.61
C VAL B 33 -4.09 5.76 -22.74
N ALA B 34 -4.46 5.58 -21.47
CA ALA B 34 -4.44 6.68 -20.50
C ALA B 34 -3.33 6.45 -19.48
N TRP B 35 -3.02 7.51 -18.73
CA TRP B 35 -1.98 7.49 -17.71
C TRP B 35 -2.55 8.16 -16.47
N TYR B 36 -2.46 7.48 -15.34
CA TYR B 36 -2.93 8.01 -14.07
C TYR B 36 -1.77 8.19 -13.11
N GLN B 37 -1.90 9.20 -12.24
CA GLN B 37 -0.95 9.48 -11.17
C GLN B 37 -1.63 9.22 -9.83
N GLN B 38 -0.95 8.51 -8.93
CA GLN B 38 -1.51 8.21 -7.63
C GLN B 38 -0.48 8.51 -6.55
N LYS B 39 -0.71 9.59 -5.81
CA LYS B 39 0.10 9.95 -4.66
C LYS B 39 -0.34 9.13 -3.45
N PRO B 40 0.56 8.90 -2.49
CA PRO B 40 0.21 8.05 -1.34
C PRO B 40 -0.99 8.62 -0.58
N GLY B 41 -1.91 7.73 -0.22
CA GLY B 41 -3.10 8.13 0.49
C GLY B 41 -4.20 8.70 -0.35
N GLN B 42 -3.92 9.11 -1.59
CA GLN B 42 -4.95 9.70 -2.43
C GLN B 42 -5.34 8.74 -3.56
N SER B 43 -6.36 9.16 -4.26
CA SER B 43 -6.94 8.37 -5.32
C SER B 43 -6.24 8.71 -6.62
N PRO B 44 -6.35 7.83 -7.64
CA PRO B 44 -5.73 8.12 -8.93
C PRO B 44 -6.24 9.41 -9.58
N LYS B 45 -5.41 9.97 -10.44
CA LYS B 45 -5.73 11.23 -11.11
C LYS B 45 -5.33 11.12 -12.58
N LEU B 46 -6.29 11.33 -13.48
CA LEU B 46 -6.03 11.23 -14.92
C LEU B 46 -5.10 12.35 -15.37
N LEU B 47 -3.95 11.99 -15.96
CA LEU B 47 -3.09 12.98 -16.60
C LEU B 47 -3.20 13.01 -18.12
N ILE B 48 -3.26 11.85 -18.78
CA ILE B 48 -3.18 11.75 -20.24
C ILE B 48 -4.15 10.67 -20.71
N TYR B 49 -4.75 10.88 -21.89
CA TYR B 49 -5.68 9.92 -22.50
C TYR B 49 -5.45 9.91 -24.01
N SER B 50 -5.90 8.84 -24.64
CA SER B 50 -5.64 8.61 -26.06
C SER B 50 -4.17 8.84 -26.37
N ALA B 51 -3.31 8.26 -25.52
CA ALA B 51 -1.86 8.22 -25.63
C ALA B 51 -1.17 9.56 -25.44
N SER B 52 -1.72 10.64 -26.00
CA SER B 52 -0.97 11.90 -26.08
C SER B 52 -1.75 13.14 -25.67
N SER B 53 -3.06 13.04 -25.40
CA SER B 53 -3.84 14.22 -25.06
C SER B 53 -3.76 14.47 -23.56
N ARG B 54 -3.38 15.68 -23.20
CA ARG B 54 -3.25 16.03 -21.81
C ARG B 54 -4.58 16.56 -21.28
N VAL B 55 -4.78 16.40 -20.00
CA VAL B 55 -5.97 16.92 -19.34
C VAL B 55 -5.76 18.40 -19.04
N SER B 56 -6.84 19.18 -19.16
CA SER B 56 -6.80 20.60 -18.85
C SER B 56 -6.32 20.84 -17.41
N GLY B 57 -5.39 21.77 -17.25
CA GLY B 57 -4.85 22.09 -15.94
C GLY B 57 -3.68 21.23 -15.51
N VAL B 58 -3.45 20.11 -16.16
CA VAL B 58 -2.28 19.29 -15.86
C VAL B 58 -1.02 20.02 -16.34
N PRO B 59 0.04 20.08 -15.54
CA PRO B 59 1.23 20.86 -15.92
C PRO B 59 1.85 20.37 -17.22
N ASP B 60 2.37 21.32 -18.01
CA ASP B 60 2.90 21.00 -19.33
C ASP B 60 4.16 20.11 -19.30
N ARG B 61 4.74 19.86 -18.13
CA ARG B 61 5.90 18.97 -18.14
C ARG B 61 5.54 17.51 -18.38
N PHE B 62 4.24 17.16 -18.36
CA PHE B 62 3.77 15.79 -18.58
C PHE B 62 3.39 15.57 -20.04
N THR B 63 3.91 14.48 -20.62
CA THR B 63 3.77 14.19 -22.04
C THR B 63 3.55 12.70 -22.21
N GLY B 64 2.81 12.34 -23.25
CA GLY B 64 2.64 10.94 -23.60
C GLY B 64 2.81 10.74 -25.09
N SER B 65 3.22 9.53 -25.46
CA SER B 65 3.44 9.21 -26.86
C SER B 65 3.22 7.71 -27.10
N GLY B 66 3.04 7.35 -28.36
CA GLY B 66 3.10 5.96 -28.77
C GLY B 66 1.85 5.52 -29.52
N SER B 67 1.90 4.28 -29.97
CA SER B 67 0.82 3.70 -30.76
C SER B 67 1.06 2.20 -30.87
N GLY B 68 0.02 1.48 -31.27
CA GLY B 68 0.13 0.05 -31.45
C GLY B 68 0.16 -0.67 -30.12
N THR B 69 1.35 -1.13 -29.71
CA THR B 69 1.53 -1.78 -28.42
C THR B 69 2.50 -1.07 -27.50
N ASP B 70 3.14 0.02 -27.94
CA ASP B 70 4.26 0.61 -27.22
C ASP B 70 3.95 2.05 -26.87
N PHE B 71 3.89 2.35 -25.58
CA PHE B 71 3.50 3.67 -25.11
C PHE B 71 4.48 4.18 -24.08
N THR B 72 4.67 5.50 -24.05
CA THR B 72 5.56 6.10 -23.09
C THR B 72 4.89 7.29 -22.44
N PHE B 73 5.39 7.64 -21.27
CA PHE B 73 4.91 8.76 -20.49
C PHE B 73 6.15 9.50 -20.01
N THR B 74 6.21 10.82 -20.23
CA THR B 74 7.43 11.56 -19.97
C THR B 74 7.17 12.75 -19.06
N ILE B 75 8.03 12.93 -18.06
CA ILE B 75 8.07 14.15 -17.27
C ILE B 75 9.33 14.92 -17.69
N SER B 76 9.13 16.18 -18.09
CA SER B 76 10.21 17.02 -18.59
C SER B 76 11.25 17.29 -17.52
N SER B 77 10.80 17.85 -16.39
CA SER B 77 11.66 18.16 -15.24
C SER B 77 10.90 17.71 -14.01
N VAL B 78 11.31 16.56 -13.46
CA VAL B 78 10.63 15.98 -12.31
C VAL B 78 10.62 16.98 -11.17
N GLN B 79 9.43 17.40 -10.75
CA GLN B 79 9.33 18.18 -9.54
C GLN B 79 9.09 17.26 -8.35
N ALA B 80 9.35 17.80 -7.16
CA ALA B 80 9.28 16.98 -5.95
C ALA B 80 7.89 16.37 -5.74
N GLU B 81 6.84 17.07 -6.13
CA GLU B 81 5.49 16.54 -5.95
C GLU B 81 5.11 15.52 -7.02
N ASP B 82 5.97 15.27 -8.00
CA ASP B 82 5.72 14.24 -9.00
C ASP B 82 6.12 12.85 -8.52
N LEU B 83 6.70 12.73 -7.33
CA LEU B 83 7.03 11.43 -6.78
C LEU B 83 5.73 10.73 -6.39
N ALA B 84 5.43 9.61 -7.05
CA ALA B 84 4.12 8.96 -6.97
C ALA B 84 4.13 7.71 -7.83
N VAL B 85 3.01 6.97 -7.81
CA VAL B 85 2.83 5.80 -8.66
C VAL B 85 2.12 6.25 -9.92
N TYR B 86 2.55 5.70 -11.06
CA TYR B 86 1.98 5.97 -12.37
C TYR B 86 1.50 4.67 -12.98
N TYR B 87 0.25 4.66 -13.44
CA TYR B 87 -0.41 3.52 -14.07
C TYR B 87 -0.81 3.89 -15.50
N CYS B 88 -0.52 3.01 -16.46
CA CYS B 88 -1.16 3.11 -17.76
C CYS B 88 -2.45 2.29 -17.76
N GLN B 89 -3.27 2.52 -18.78
CA GLN B 89 -4.54 1.82 -18.95
C GLN B 89 -4.89 1.82 -20.43
N GLN B 90 -5.25 0.66 -20.98
CA GLN B 90 -5.84 0.64 -22.31
C GLN B 90 -7.33 0.91 -22.16
N HIS B 91 -7.83 1.86 -22.96
CA HIS B 91 -9.27 2.12 -23.02
C HIS B 91 -9.76 1.87 -24.44
N TYR B 92 -9.20 0.84 -25.06
CA TYR B 92 -9.55 0.40 -26.40
C TYR B 92 -10.75 -0.53 -26.40
N SER B 93 -10.80 -1.50 -25.49
CA SER B 93 -11.92 -2.43 -25.45
C SER B 93 -12.08 -3.00 -24.05
N THR B 94 -13.34 -3.27 -23.71
CA THR B 94 -13.65 -3.97 -22.48
C THR B 94 -13.07 -5.39 -22.54
N PRO B 95 -12.62 -5.95 -21.40
CA PRO B 95 -12.52 -5.26 -20.11
C PRO B 95 -11.35 -4.28 -20.05
N TYR B 96 -11.57 -3.10 -19.48
CA TYR B 96 -10.51 -2.11 -19.40
C TYR B 96 -9.52 -2.52 -18.33
N THR B 97 -8.23 -2.48 -18.69
CA THR B 97 -7.17 -3.06 -17.91
C THR B 97 -6.05 -2.05 -17.67
N PHE B 98 -5.45 -2.13 -16.48
CA PHE B 98 -4.38 -1.25 -16.04
C PHE B 98 -3.04 -1.98 -16.00
N GLY B 99 -1.95 -1.25 -16.26
CA GLY B 99 -0.63 -1.77 -15.99
C GLY B 99 -0.41 -1.96 -14.49
N GLY B 100 0.67 -2.67 -14.14
CA GLY B 100 0.98 -2.91 -12.73
C GLY B 100 1.45 -1.69 -11.95
N GLY B 101 1.75 -0.59 -12.64
CA GLY B 101 2.17 0.62 -11.97
C GLY B 101 3.69 0.74 -11.93
N THR B 102 4.16 1.98 -11.85
CA THR B 102 5.58 2.29 -11.73
C THR B 102 5.72 3.36 -10.68
N THR B 103 6.46 3.07 -9.62
CA THR B 103 6.69 4.02 -8.54
C THR B 103 7.92 4.84 -8.87
N LEU B 104 7.75 6.15 -8.88
CA LEU B 104 8.85 7.07 -9.17
C LEU B 104 9.49 7.47 -7.85
N GLU B 105 10.77 7.10 -7.69
CA GLU B 105 11.49 7.37 -6.46
C GLU B 105 12.67 8.30 -6.73
N ILE B 106 13.17 8.90 -5.65
CA ILE B 106 14.24 9.87 -5.71
C ILE B 106 15.57 9.18 -5.47
N LYS B 107 16.56 9.52 -6.28
CA LYS B 107 17.93 9.04 -6.10
C LYS B 107 18.61 9.80 -4.97
N ARG B 108 19.46 9.10 -4.23
CA ARG B 108 20.23 9.72 -3.16
C ARG B 108 21.48 8.89 -2.92
N THR B 109 22.37 9.43 -2.09
CA THR B 109 23.62 8.73 -1.83
C THR B 109 23.33 7.39 -1.15
N VAL B 110 24.13 6.38 -1.51
CA VAL B 110 23.94 5.07 -0.94
C VAL B 110 24.08 5.17 0.57
N ALA B 111 23.17 4.50 1.28
CA ALA B 111 23.20 4.39 2.74
C ALA B 111 22.95 2.93 3.08
N ALA B 112 23.89 2.32 3.79
CA ALA B 112 23.73 0.92 4.15
C ALA B 112 22.64 0.77 5.21
N PRO B 113 22.00 -0.40 5.29
CA PRO B 113 21.01 -0.62 6.34
C PRO B 113 21.66 -0.66 7.71
N SER B 114 21.02 -0.01 8.68
CA SER B 114 21.35 -0.20 10.09
C SER B 114 20.50 -1.33 10.62
N VAL B 115 21.14 -2.43 11.03
CA VAL B 115 20.44 -3.67 11.38
C VAL B 115 20.29 -3.78 12.88
N PHE B 116 19.11 -4.21 13.33
CA PHE B 116 18.82 -4.45 14.74
C PHE B 116 17.99 -5.70 14.84
N ILE B 117 18.27 -6.54 15.83
CA ILE B 117 17.46 -7.73 16.08
C ILE B 117 16.83 -7.60 17.46
N PHE B 118 15.59 -8.07 17.58
CA PHE B 118 14.81 -7.94 18.81
C PHE B 118 14.29 -9.32 19.20
N PRO B 119 14.71 -9.85 20.35
CA PRO B 119 14.17 -11.12 20.81
C PRO B 119 12.72 -10.94 21.22
N PRO B 120 11.94 -12.02 21.33
CA PRO B 120 10.56 -11.88 21.81
C PRO B 120 10.54 -11.47 23.28
N SER B 121 9.49 -10.76 23.65
CA SER B 121 9.33 -10.28 25.01
C SER B 121 8.86 -11.41 25.92
N ASP B 122 9.12 -11.26 27.22
CA ASP B 122 8.65 -12.23 28.18
C ASP B 122 7.12 -12.22 28.25
N GLU B 123 6.52 -11.02 28.17
CA GLU B 123 5.06 -10.92 28.16
C GLU B 123 4.45 -11.77 27.05
N GLN B 124 5.04 -11.71 25.84
CA GLN B 124 4.48 -12.50 24.75
C GLN B 124 4.74 -13.98 24.93
N LEU B 125 5.93 -14.34 25.40
CA LEU B 125 6.26 -15.74 25.58
C LEU B 125 5.29 -16.42 26.54
N LYS B 126 4.84 -15.69 27.58
CA LYS B 126 3.87 -16.23 28.53
C LYS B 126 2.56 -16.61 27.86
N SER B 127 2.23 -15.96 26.74
CA SER B 127 0.99 -16.22 26.03
C SER B 127 1.10 -17.36 25.03
N GLY B 128 2.31 -17.85 24.76
CA GLY B 128 2.51 -19.02 23.92
C GLY B 128 3.22 -18.79 22.60
N THR B 129 3.49 -17.55 22.19
CA THR B 129 4.09 -17.30 20.89
C THR B 129 5.39 -16.53 21.05
N ALA B 130 6.29 -16.68 20.06
CA ALA B 130 7.53 -15.94 20.01
C ALA B 130 7.64 -15.25 18.66
N SER B 131 7.67 -13.92 18.69
CA SER B 131 7.92 -13.11 17.50
C SER B 131 9.33 -12.55 17.61
N VAL B 132 10.17 -12.89 16.65
CA VAL B 132 11.50 -12.32 16.57
C VAL B 132 11.50 -11.29 15.45
N VAL B 133 12.02 -10.09 15.71
CA VAL B 133 11.93 -8.99 14.75
C VAL B 133 13.32 -8.59 14.30
N CYS B 134 13.50 -8.50 12.99
CA CYS B 134 14.70 -7.91 12.40
C CYS B 134 14.35 -6.60 11.71
N LEU B 135 15.09 -5.55 12.03
CA LEU B 135 14.90 -4.25 11.44
C LEU B 135 16.10 -3.89 10.57
N LEU B 136 15.83 -3.44 9.35
CA LEU B 136 16.82 -2.87 8.44
C LEU B 136 16.44 -1.41 8.26
N ASN B 137 17.26 -0.49 8.75
CA ASN B 137 16.82 0.88 8.93
C ASN B 137 17.55 1.87 8.04
N ASN B 138 16.78 2.74 7.39
CA ASN B 138 17.27 3.93 6.68
C ASN B 138 18.35 3.59 5.64
N PHE B 139 17.98 2.76 4.69
CA PHE B 139 18.92 2.40 3.63
C PHE B 139 18.48 2.95 2.28
N TYR B 140 19.44 3.02 1.37
CA TYR B 140 19.20 3.34 -0.03
C TYR B 140 20.33 2.74 -0.85
N PRO B 141 20.05 2.08 -1.99
CA PRO B 141 18.72 1.95 -2.60
C PRO B 141 17.79 0.93 -1.92
N ARG B 142 16.63 0.70 -2.56
CA ARG B 142 15.53 -0.04 -1.95
C ARG B 142 15.81 -1.54 -1.90
N GLU B 143 16.60 -2.06 -2.83
CA GLU B 143 16.86 -3.48 -2.92
C GLU B 143 17.84 -3.88 -1.82
N ALA B 144 17.39 -4.77 -0.94
CA ALA B 144 18.20 -5.26 0.16
C ALA B 144 17.82 -6.71 0.37
N LYS B 145 18.75 -7.49 0.93
CA LYS B 145 18.55 -8.92 1.09
C LYS B 145 18.83 -9.28 2.54
N TYR B 146 17.93 -10.06 3.13
CA TYR B 146 18.11 -10.50 4.50
C TYR B 146 17.78 -11.98 4.58
N GLN B 147 18.34 -12.64 5.60
CA GLN B 147 18.06 -14.04 5.86
C GLN B 147 17.94 -14.28 7.35
N TRP B 148 16.92 -15.06 7.73
CA TRP B 148 16.77 -15.56 9.08
C TRP B 148 17.52 -16.87 9.21
N LYS B 149 18.40 -16.97 10.21
CA LYS B 149 19.14 -18.19 10.50
C LYS B 149 18.95 -18.54 11.97
N VAL B 150 18.39 -19.72 12.23
CA VAL B 150 18.18 -20.21 13.59
C VAL B 150 19.13 -21.38 13.82
N ASP B 151 20.07 -21.19 14.76
CA ASP B 151 21.16 -22.16 14.97
C ASP B 151 21.87 -22.43 13.65
N ASN B 152 22.12 -21.36 12.91
CA ASN B 152 22.74 -21.40 11.59
C ASN B 152 21.97 -22.30 10.62
N ALA B 153 20.64 -22.28 10.72
CA ALA B 153 19.77 -22.97 9.77
C ALA B 153 18.84 -21.96 9.10
N LEU B 154 18.80 -22.00 7.77
CA LEU B 154 17.98 -21.05 7.00
C LEU B 154 16.51 -21.24 7.31
N GLN B 155 15.83 -20.13 7.63
CA GLN B 155 14.40 -20.13 7.88
C GLN B 155 13.65 -19.74 6.62
N SER B 156 12.62 -20.51 6.29
CA SER B 156 11.82 -20.22 5.11
C SER B 156 10.35 -20.50 5.42
N GLY B 157 9.49 -19.55 5.03
CA GLY B 157 8.06 -19.71 5.14
C GLY B 157 7.42 -19.31 6.46
N ASN B 158 8.21 -18.86 7.43
CA ASN B 158 7.71 -18.52 8.76
C ASN B 158 8.00 -17.06 9.14
N SER B 159 8.19 -16.18 8.15
CA SER B 159 8.41 -14.76 8.41
C SER B 159 7.62 -13.92 7.42
N GLN B 160 7.09 -12.80 7.91
CA GLN B 160 6.46 -11.79 7.06
C GLN B 160 7.26 -10.50 7.14
N GLU B 161 7.19 -9.70 6.07
CA GLU B 161 7.97 -8.46 5.98
C GLU B 161 7.09 -7.32 5.51
N SER B 162 7.56 -6.11 5.77
CA SER B 162 7.00 -4.94 5.09
C SER B 162 8.04 -3.84 5.08
N VAL B 163 7.85 -2.91 4.14
CA VAL B 163 8.80 -1.86 3.82
C VAL B 163 8.05 -0.54 3.84
N THR B 164 8.69 0.50 4.36
CA THR B 164 8.08 1.82 4.34
C THR B 164 8.16 2.43 2.95
N GLU B 165 7.30 3.43 2.71
CA GLU B 165 7.47 4.30 1.57
C GLU B 165 8.77 5.06 1.72
N GLN B 166 9.39 5.42 0.58
CA GLN B 166 10.60 6.22 0.62
C GLN B 166 10.37 7.43 1.51
N ASP B 167 11.31 7.68 2.42
CA ASP B 167 11.09 8.75 3.39
C ASP B 167 11.05 10.10 2.70
N SER B 168 10.13 10.96 3.14
CA SER B 168 10.03 12.22 2.43
C SER B 168 11.11 13.22 2.81
N LYS B 169 11.87 12.96 3.88
CA LYS B 169 12.91 13.91 4.29
C LYS B 169 14.32 13.46 3.98
N ASP B 170 14.63 12.16 4.07
CA ASP B 170 15.97 11.69 3.78
C ASP B 170 16.00 10.64 2.67
N SER B 171 14.86 10.34 2.07
CA SER B 171 14.80 9.53 0.85
C SER B 171 15.31 8.11 1.07
N THR B 172 15.25 7.62 2.30
CA THR B 172 15.63 6.25 2.60
C THR B 172 14.41 5.35 2.72
N TYR B 173 14.68 4.06 2.74
CA TYR B 173 13.71 3.02 3.06
C TYR B 173 14.11 2.33 4.36
N SER B 174 13.11 1.76 5.02
CA SER B 174 13.33 0.82 6.11
C SER B 174 12.46 -0.42 5.91
N LEU B 175 12.92 -1.53 6.48
CA LEU B 175 12.26 -2.82 6.34
C LEU B 175 12.18 -3.50 7.70
N SER B 176 11.06 -4.18 7.93
CA SER B 176 10.84 -4.89 9.17
C SER B 176 10.41 -6.30 8.85
N SER B 177 11.08 -7.29 9.43
CA SER B 177 10.71 -8.69 9.29
C SER B 177 10.37 -9.28 10.66
N THR B 178 9.26 -10.01 10.72
CA THR B 178 8.89 -10.76 11.91
C THR B 178 8.99 -12.25 11.62
N LEU B 179 9.85 -12.94 12.37
CA LEU B 179 9.86 -14.41 12.42
C LEU B 179 8.98 -14.87 13.58
N THR B 180 8.06 -15.78 13.32
CA THR B 180 7.09 -16.21 14.32
C THR B 180 7.19 -17.72 14.53
N LEU B 181 7.54 -18.13 15.74
CA LEU B 181 7.60 -19.53 16.13
C LEU B 181 6.67 -19.77 17.33
N SER B 182 6.25 -21.02 17.48
CA SER B 182 5.67 -21.45 18.75
C SER B 182 6.67 -21.20 19.88
N LYS B 183 6.15 -20.99 21.09
CA LYS B 183 7.04 -20.97 22.26
C LYS B 183 7.81 -22.29 22.36
N ALA B 184 7.17 -23.40 21.97
CA ALA B 184 7.88 -24.68 21.91
C ALA B 184 9.04 -24.62 20.94
N ASP B 185 8.75 -24.35 19.67
CA ASP B 185 9.79 -24.28 18.65
C ASP B 185 10.85 -23.24 19.00
N TYR B 186 10.41 -22.09 19.53
CA TYR B 186 11.39 -21.08 19.94
C TYR B 186 12.40 -21.65 20.92
N GLU B 187 11.95 -22.52 21.81
CA GLU B 187 12.80 -23.06 22.85
C GLU B 187 13.71 -24.18 22.36
N LYS B 188 13.46 -24.73 21.18
CA LYS B 188 14.30 -25.80 20.65
C LYS B 188 15.67 -25.31 20.17
N HIS B 189 15.97 -24.01 20.21
CA HIS B 189 17.16 -23.51 19.54
C HIS B 189 17.82 -22.41 20.37
N LYS B 190 19.06 -22.08 20.00
CA LYS B 190 19.92 -21.25 20.82
C LYS B 190 20.19 -19.88 20.20
N VAL B 191 20.68 -19.84 18.96
CA VAL B 191 21.15 -18.59 18.33
C VAL B 191 20.15 -18.17 17.26
N TYR B 192 19.65 -16.94 17.39
CA TYR B 192 18.71 -16.36 16.43
C TYR B 192 19.42 -15.23 15.72
N ALA B 193 19.47 -15.28 14.38
CA ALA B 193 20.33 -14.41 13.60
C ALA B 193 19.62 -13.88 12.37
N CYS B 194 19.89 -12.62 12.06
CA CYS B 194 19.42 -11.93 10.87
C CYS B 194 20.65 -11.40 10.11
N GLU B 195 20.78 -11.79 8.85
CA GLU B 195 21.97 -11.48 8.07
C GLU B 195 21.59 -10.69 6.82
N VAL B 196 22.26 -9.57 6.59
CA VAL B 196 21.81 -8.57 5.62
C VAL B 196 22.93 -8.26 4.63
N THR B 197 22.56 -8.15 3.35
CA THR B 197 23.48 -7.69 2.31
C THR B 197 22.82 -6.57 1.52
N HIS B 198 23.65 -5.74 0.89
CA HIS B 198 23.15 -4.48 0.33
C HIS B 198 24.31 -3.79 -0.41
N GLN B 199 23.95 -2.96 -1.39
CA GLN B 199 24.96 -2.27 -2.19
C GLN B 199 25.89 -1.46 -1.30
N GLY B 200 25.38 -0.90 -0.22
CA GLY B 200 26.23 -0.13 0.66
C GLY B 200 27.08 -0.94 1.63
N LEU B 201 27.04 -2.27 1.57
CA LEU B 201 27.70 -3.12 2.54
C LEU B 201 28.82 -3.88 1.86
N SER B 202 30.06 -3.67 2.34
CA SER B 202 31.23 -4.37 1.80
C SER B 202 31.18 -5.86 2.03
N SER B 203 30.51 -6.26 3.10
CA SER B 203 30.51 -7.60 3.62
C SER B 203 29.17 -7.72 4.35
N PRO B 204 28.53 -8.88 4.34
CA PRO B 204 27.24 -9.04 5.02
C PRO B 204 27.32 -8.63 6.48
N VAL B 205 26.20 -8.11 6.98
CA VAL B 205 26.07 -7.72 8.38
C VAL B 205 25.12 -8.70 9.06
N THR B 206 25.54 -9.24 10.20
CA THR B 206 24.74 -10.17 10.98
C THR B 206 24.53 -9.59 12.36
N LYS B 207 23.28 -9.55 12.80
CA LYS B 207 22.93 -9.30 14.19
C LYS B 207 22.21 -10.53 14.71
N SER B 208 22.58 -10.95 15.92
CA SER B 208 22.06 -12.20 16.46
C SER B 208 21.94 -12.08 17.98
N PHE B 209 21.22 -13.04 18.57
CA PHE B 209 21.22 -13.17 20.01
C PHE B 209 21.14 -14.64 20.37
N ASN B 210 21.43 -14.92 21.65
CA ASN B 210 21.25 -16.24 22.25
C ASN B 210 20.05 -16.19 23.18
N ARG B 211 19.13 -17.13 23.00
CA ARG B 211 17.90 -17.17 23.78
C ARG B 211 18.23 -17.24 25.27
N GLY B 212 17.78 -16.22 26.02
CA GLY B 212 17.93 -16.22 27.47
C GLY B 212 19.34 -16.06 27.97
#